data_5Q15
#
_entry.id   5Q15
#
_cell.length_a   72.032
_cell.length_b   84.119
_cell.length_c   191.953
_cell.angle_alpha   90.000
_cell.angle_beta   90.000
_cell.angle_gamma   90.000
#
_symmetry.space_group_name_H-M   'C 2 2 21'
#
loop_
_entity.id
_entity.type
_entity.pdbx_description
1 polymer 'Bile acid receptor'
2 polymer 'COACTIVATOR PEPTIDE SRC-1 HD3'
3 non-polymer (2S)-N,2-dicyclohexyl-2-{5,6-difluoro-2-[(R)-methoxy(phenyl)methyl]-1H-benzimidazol-1-yl}acetamide
4 water water
#
loop_
_entity_poly.entity_id
_entity_poly.type
_entity_poly.pdbx_seq_one_letter_code
_entity_poly.pdbx_strand_id
1 'polypeptide(L)'
;GSHMELTPDQQTLLHFIMDSYNKQRMPQEITNKILKEAFSAEENFLILTEMATNHVQVLVEFTKKLPGFQTLDHEDQIAL
LKGSAVEAMFLRSAEIFNKKLPSGHSDLLEARIRNSGISDEYITPMFSFYKSIGELKMTQEEYALLTAIVILSPDRQYIK
DREAVEKLQEPLLDVLQKLCKIHQPENPQHFACLLGRLTELRTFNHHHAEMLMSWRVNDHKFTPLLCEIWDVQ
;
A,C
2 'polypeptide(L)' KDHQLLRYLLDKDE B,D
#
# COMPACT_ATOMS: atom_id res chain seq x y z
N MET A 4 -22.17 36.26 25.75
CA MET A 4 -21.52 35.97 24.48
C MET A 4 -20.03 35.67 24.66
N GLU A 5 -19.29 36.61 25.30
CA GLU A 5 -17.86 36.57 25.61
C GLU A 5 -17.62 35.75 26.88
N LEU A 6 -16.42 35.17 27.05
CA LEU A 6 -16.09 34.38 28.22
C LEU A 6 -15.95 35.22 29.48
N THR A 7 -16.57 34.76 30.57
CA THR A 7 -16.52 35.40 31.90
C THR A 7 -15.12 35.13 32.50
N PRO A 8 -14.66 35.87 33.55
CA PRO A 8 -13.33 35.55 34.13
C PRO A 8 -13.18 34.10 34.58
N ASP A 9 -14.25 33.49 35.15
CA ASP A 9 -14.25 32.09 35.59
C ASP A 9 -14.12 31.16 34.40
N GLN A 10 -14.76 31.52 33.27
CA GLN A 10 -14.68 30.69 32.06
C GLN A 10 -13.30 30.75 31.42
N GLN A 11 -12.62 31.92 31.46
CA GLN A 11 -11.27 32.09 30.93
C GLN A 11 -10.30 31.26 31.76
N THR A 12 -10.52 31.21 33.10
CA THR A 12 -9.71 30.45 34.05
C THR A 12 -9.82 28.97 33.76
N LEU A 13 -11.07 28.47 33.64
CA LEU A 13 -11.34 27.05 33.34
C LEU A 13 -10.68 26.63 32.04
N LEU A 14 -10.85 27.44 30.97
CA LEU A 14 -10.27 27.20 29.65
C LEU A 14 -8.74 27.05 29.70
N HIS A 15 -8.05 27.99 30.38
CA HIS A 15 -6.58 27.93 30.49
C HIS A 15 -6.11 26.74 31.28
N PHE A 16 -6.85 26.37 32.34
CA PHE A 16 -6.54 25.22 33.18
C PHE A 16 -6.65 23.91 32.38
N ILE A 17 -7.73 23.78 31.59
CA ILE A 17 -7.96 22.61 30.71
C ILE A 17 -6.85 22.55 29.65
N MET A 18 -6.53 23.70 29.02
CA MET A 18 -5.48 23.80 28.01
C MET A 18 -4.12 23.34 28.50
N ASP A 19 -3.68 23.87 29.65
CA ASP A 19 -2.42 23.50 30.29
C ASP A 19 -2.34 21.99 30.54
N SER A 20 -3.42 21.39 31.05
CA SER A 20 -3.49 19.97 31.31
C SER A 20 -3.49 19.18 30.00
N TYR A 21 -4.21 19.66 28.98
CA TYR A 21 -4.30 19.01 27.68
C TYR A 21 -2.96 18.98 26.92
N ASN A 22 -2.14 20.02 27.09
CA ASN A 22 -0.83 20.14 26.42
C ASN A 22 0.26 19.23 26.99
N LYS A 23 -0.07 18.43 28.04
CA LYS A 23 0.86 17.47 28.64
CA LYS A 23 0.84 17.45 28.64
C LYS A 23 0.96 16.20 27.75
N GLN A 24 0.08 16.08 26.76
CA GLN A 24 0.04 14.94 25.82
C GLN A 24 1.28 14.95 24.91
N ARG A 25 1.60 13.77 24.34
CA ARG A 25 2.70 13.61 23.41
C ARG A 25 2.40 14.49 22.18
N MET A 26 3.38 15.27 21.72
CA MET A 26 3.20 16.18 20.59
C MET A 26 2.83 15.47 19.29
N PRO A 27 1.88 16.01 18.48
CA PRO A 27 1.49 15.32 17.24
C PRO A 27 2.65 15.02 16.30
N GLN A 28 3.61 15.97 16.17
CA GLN A 28 4.80 15.82 15.34
C GLN A 28 5.65 14.59 15.72
N GLU A 29 5.70 14.24 17.03
CA GLU A 29 6.45 13.07 17.52
C GLU A 29 5.88 11.79 16.89
N ILE A 30 4.53 11.72 16.84
CA ILE A 30 3.78 10.59 16.30
C ILE A 30 3.91 10.50 14.76
N THR A 31 3.61 11.60 14.04
CA THR A 31 3.67 11.62 12.57
C THR A 31 5.09 11.45 12.02
N ASN A 32 6.13 12.00 12.69
CA ASN A 32 7.52 11.83 12.26
C ASN A 32 7.91 10.35 12.26
N LYS A 33 7.47 9.58 13.27
CA LYS A 33 7.76 8.15 13.38
C LYS A 33 7.15 7.37 12.19
N ILE A 34 5.84 7.54 11.95
CA ILE A 34 5.09 6.89 10.87
C ILE A 34 5.62 7.29 9.47
N LEU A 35 5.93 8.59 9.27
CA LEU A 35 6.43 9.09 7.99
C LEU A 35 7.88 8.70 7.69
N LYS A 36 8.71 8.50 8.74
CA LYS A 36 10.14 8.17 8.67
C LYS A 36 10.42 6.90 7.85
N GLU A 37 9.96 5.75 8.34
CA GLU A 37 10.17 4.45 7.72
C GLU A 37 8.82 3.79 7.47
N ALA A 38 8.79 2.83 6.52
CA ALA A 38 7.60 2.03 6.25
C ALA A 38 7.77 0.82 7.16
N PHE A 39 6.85 0.64 8.12
CA PHE A 39 6.97 -0.45 9.08
C PHE A 39 6.14 -1.66 8.69
N SER A 40 6.51 -2.83 9.23
CA SER A 40 5.78 -4.07 9.01
C SER A 40 4.54 -4.04 9.91
N ALA A 41 3.56 -4.93 9.66
CA ALA A 41 2.35 -5.04 10.47
C ALA A 41 2.71 -5.35 11.94
N GLU A 42 3.75 -6.20 12.16
CA GLU A 42 4.24 -6.56 13.50
C GLU A 42 4.84 -5.36 14.23
N GLU A 43 5.64 -4.53 13.53
CA GLU A 43 6.23 -3.31 14.11
C GLU A 43 5.17 -2.26 14.40
N ASN A 44 4.17 -2.13 13.49
CA ASN A 44 3.08 -1.17 13.67
C ASN A 44 2.18 -1.52 14.85
N PHE A 45 1.99 -2.83 15.13
CA PHE A 45 1.19 -3.26 16.28
C PHE A 45 1.83 -2.79 17.59
N LEU A 46 3.16 -2.95 17.70
CA LEU A 46 3.93 -2.54 18.87
C LEU A 46 4.02 -1.02 18.99
N ILE A 47 4.06 -0.29 17.87
CA ILE A 47 4.05 1.19 17.87
C ILE A 47 2.69 1.61 18.45
N LEU A 48 1.60 0.94 18.03
CA LEU A 48 0.26 1.27 18.54
C LEU A 48 0.12 1.01 20.03
N THR A 49 0.57 -0.17 20.52
CA THR A 49 0.43 -0.50 21.95
C THR A 49 1.19 0.49 22.82
N GLU A 50 2.41 0.88 22.42
CA GLU A 50 3.22 1.86 23.14
C GLU A 50 2.54 3.23 23.12
N MET A 51 2.04 3.67 21.95
CA MET A 51 1.35 4.96 21.80
C MET A 51 0.07 4.98 22.65
N ALA A 52 -0.70 3.90 22.60
CA ALA A 52 -1.96 3.76 23.33
C ALA A 52 -1.75 3.72 24.82
N THR A 53 -0.66 3.06 25.30
CA THR A 53 -0.34 3.01 26.73
C THR A 53 0.03 4.39 27.24
N ASN A 54 0.86 5.14 26.48
CA ASN A 54 1.22 6.51 26.86
C ASN A 54 -0.04 7.38 26.93
N HIS A 55 -0.91 7.26 25.92
CA HIS A 55 -2.16 8.01 25.86
C HIS A 55 -3.05 7.76 27.08
N VAL A 56 -3.23 6.49 27.50
CA VAL A 56 -4.07 6.17 28.67
C VAL A 56 -3.44 6.77 29.94
N GLN A 57 -2.11 6.67 30.08
CA GLN A 57 -1.42 7.24 31.23
C GLN A 57 -1.65 8.77 31.32
N VAL A 58 -1.48 9.48 30.20
CA VAL A 58 -1.68 10.94 30.14
C VAL A 58 -3.17 11.29 30.34
N LEU A 59 -4.07 10.46 29.78
CA LEU A 59 -5.51 10.67 29.92
C LEU A 59 -5.97 10.54 31.38
N VAL A 60 -5.40 9.59 32.15
CA VAL A 60 -5.77 9.48 33.57
C VAL A 60 -5.32 10.76 34.31
N GLU A 61 -4.11 11.28 34.00
CA GLU A 61 -3.61 12.52 34.61
C GLU A 61 -4.48 13.73 34.24
N PHE A 62 -4.91 13.84 32.97
CA PHE A 62 -5.79 14.91 32.50
C PHE A 62 -7.16 14.83 33.20
N THR A 63 -7.72 13.60 33.30
CA THR A 63 -9.01 13.31 33.92
C THR A 63 -9.05 13.73 35.40
N LYS A 64 -7.99 13.36 36.15
CA LYS A 64 -7.81 13.69 37.57
C LYS A 64 -7.83 15.20 37.84
N LYS A 65 -7.39 16.01 36.87
CA LYS A 65 -7.35 17.47 36.98
C LYS A 65 -8.65 18.13 36.61
N LEU A 66 -9.59 17.41 35.94
CA LEU A 66 -10.88 18.00 35.59
C LEU A 66 -11.59 18.43 36.85
N PRO A 67 -12.02 19.71 36.94
CA PRO A 67 -12.66 20.19 38.17
C PRO A 67 -13.83 19.34 38.63
N GLY A 68 -13.73 18.92 39.89
CA GLY A 68 -14.73 18.11 40.57
C GLY A 68 -14.62 16.62 40.38
N PHE A 69 -13.73 16.15 39.47
CA PHE A 69 -13.57 14.71 39.21
C PHE A 69 -13.19 13.93 40.45
N GLN A 70 -12.28 14.47 41.28
CA GLN A 70 -11.80 13.83 42.49
C GLN A 70 -12.85 13.75 43.60
N THR A 71 -13.96 14.51 43.47
CA THR A 71 -15.07 14.51 44.44
C THR A 71 -16.13 13.44 44.08
N LEU A 72 -16.05 12.89 42.86
CA LEU A 72 -16.99 11.86 42.39
C LEU A 72 -16.78 10.53 43.08
N ASP A 73 -17.83 9.68 43.03
CA ASP A 73 -17.82 8.31 43.57
C ASP A 73 -16.70 7.55 42.86
N HIS A 74 -15.86 6.85 43.63
CA HIS A 74 -14.69 6.10 43.12
C HIS A 74 -15.04 5.08 42.04
N GLU A 75 -16.20 4.39 42.16
CA GLU A 75 -16.64 3.42 41.15
C GLU A 75 -17.07 4.14 39.88
N ASP A 76 -17.72 5.32 40.03
CA ASP A 76 -18.13 6.14 38.89
C ASP A 76 -16.92 6.72 38.15
N GLN A 77 -15.83 7.02 38.89
CA GLN A 77 -14.57 7.52 38.33
C GLN A 77 -13.98 6.50 37.34
N ILE A 78 -13.95 5.20 37.73
CA ILE A 78 -13.45 4.09 36.91
C ILE A 78 -14.35 3.94 35.68
N ALA A 79 -15.68 3.96 35.89
CA ALA A 79 -16.67 3.84 34.81
C ALA A 79 -16.50 4.92 33.75
N LEU A 80 -16.23 6.18 34.17
CA LEU A 80 -16.01 7.32 33.26
C LEU A 80 -14.75 7.14 32.44
N LEU A 81 -13.66 6.71 33.09
CA LEU A 81 -12.37 6.47 32.41
C LEU A 81 -12.46 5.35 31.38
N LYS A 82 -13.01 4.19 31.79
CA LYS A 82 -13.21 3.03 30.93
C LYS A 82 -14.17 3.33 29.78
N GLY A 83 -15.20 4.13 30.06
CA GLY A 83 -16.20 4.50 29.06
C GLY A 83 -15.70 5.48 28.03
N SER A 84 -14.66 6.28 28.36
CA SER A 84 -14.16 7.32 27.46
C SER A 84 -12.81 7.08 26.81
N ALA A 85 -11.99 6.14 27.33
CA ALA A 85 -10.62 5.92 26.84
C ALA A 85 -10.47 5.74 25.34
N VAL A 86 -11.26 4.86 24.72
CA VAL A 86 -11.23 4.59 23.27
C VAL A 86 -11.67 5.82 22.46
N GLU A 87 -12.76 6.51 22.87
CA GLU A 87 -13.24 7.72 22.18
C GLU A 87 -12.19 8.81 22.22
N ALA A 88 -11.59 9.03 23.39
CA ALA A 88 -10.52 10.02 23.58
C ALA A 88 -9.35 9.71 22.68
N MET A 89 -9.02 8.42 22.51
CA MET A 89 -7.92 8.01 21.63
CA MET A 89 -7.92 7.99 21.63
C MET A 89 -8.23 8.36 20.17
N PHE A 90 -9.46 8.08 19.71
CA PHE A 90 -9.81 8.42 18.32
C PHE A 90 -9.93 9.90 18.10
N LEU A 91 -10.34 10.65 19.12
CA LEU A 91 -10.44 12.11 18.99
C LEU A 91 -9.02 12.70 18.87
N ARG A 92 -8.09 12.20 19.66
CA ARG A 92 -6.69 12.64 19.60
C ARG A 92 -6.05 12.25 18.27
N SER A 93 -6.33 11.03 17.78
CA SER A 93 -5.84 10.58 16.46
C SER A 93 -6.37 11.49 15.33
N ALA A 94 -7.64 11.93 15.43
CA ALA A 94 -8.24 12.84 14.44
C ALA A 94 -7.56 14.19 14.47
N GLU A 95 -7.22 14.70 15.68
CA GLU A 95 -6.50 15.96 15.82
C GLU A 95 -5.15 15.87 15.14
N ILE A 96 -4.40 14.78 15.40
CA ILE A 96 -3.07 14.53 14.84
C ILE A 96 -3.16 14.42 13.33
N PHE A 97 -4.11 13.63 12.82
CA PHE A 97 -4.30 13.45 11.37
C PHE A 97 -4.56 14.75 10.61
N ASN A 98 -5.29 15.70 11.23
CA ASN A 98 -5.66 16.96 10.60
C ASN A 98 -4.66 18.10 10.83
N LYS A 99 -3.53 17.82 11.50
CA LYS A 99 -2.47 18.81 11.70
C LYS A 99 -1.74 19.00 10.36
N LYS A 100 -1.49 20.27 10.00
CA LYS A 100 -0.85 20.64 8.73
C LYS A 100 0.59 20.15 8.63
N LEU A 101 0.91 19.50 7.51
CA LEU A 101 2.23 18.93 7.22
C LEU A 101 2.73 19.44 5.86
N PRO A 102 4.06 19.38 5.55
CA PRO A 102 4.52 19.81 4.21
C PRO A 102 3.82 19.05 3.09
N SER A 103 3.59 19.70 1.93
CA SER A 103 2.90 19.13 0.77
C SER A 103 3.31 17.69 0.43
N GLY A 104 2.33 16.79 0.40
CA GLY A 104 2.54 15.38 0.09
C GLY A 104 2.64 14.45 1.29
N HIS A 105 3.00 15.01 2.48
CA HIS A 105 3.17 14.26 3.72
C HIS A 105 1.86 13.65 4.26
N SER A 106 0.74 14.42 4.23
CA SER A 106 -0.55 13.90 4.68
C SER A 106 -1.08 12.76 3.79
N ASP A 107 -0.67 12.74 2.49
CA ASP A 107 -1.01 11.68 1.56
C ASP A 107 -0.24 10.41 1.94
N LEU A 108 1.05 10.56 2.31
CA LEU A 108 1.90 9.44 2.73
C LEU A 108 1.44 8.89 4.08
N LEU A 109 1.04 9.77 5.02
CA LEU A 109 0.54 9.40 6.33
C LEU A 109 -0.72 8.53 6.21
N GLU A 110 -1.66 8.94 5.32
CA GLU A 110 -2.91 8.21 5.02
CA GLU A 110 -2.90 8.20 5.09
C GLU A 110 -2.59 6.81 4.54
N ALA A 111 -1.67 6.71 3.55
CA ALA A 111 -1.23 5.46 2.93
C ALA A 111 -0.56 4.53 3.94
N ARG A 112 0.27 5.10 4.85
CA ARG A 112 0.97 4.35 5.90
C ARG A 112 -0.03 3.79 6.90
N ILE A 113 -1.10 4.55 7.23
CA ILE A 113 -2.16 4.11 8.13
C ILE A 113 -3.00 3.00 7.46
N ARG A 114 -3.21 3.08 6.12
CA ARG A 114 -3.95 2.04 5.38
CA ARG A 114 -3.95 2.04 5.38
C ARG A 114 -3.20 0.71 5.41
N ASN A 115 -1.86 0.76 5.46
CA ASN A 115 -0.99 -0.42 5.50
C ASN A 115 -0.48 -0.76 6.89
N SER A 116 -1.21 -0.35 7.92
CA SER A 116 -0.89 -0.59 9.34
C SER A 116 -0.86 -2.06 9.72
N GLY A 117 -1.78 -2.85 9.18
CA GLY A 117 -1.89 -4.27 9.48
C GLY A 117 -3.30 -4.70 9.85
N ILE A 118 -4.19 -3.72 10.06
CA ILE A 118 -5.60 -3.98 10.39
C ILE A 118 -6.44 -4.13 9.14
N SER A 119 -7.63 -4.77 9.27
CA SER A 119 -8.57 -4.99 8.19
C SER A 119 -9.08 -3.69 7.60
N ASP A 120 -9.31 -3.70 6.28
CA ASP A 120 -9.77 -2.55 5.49
C ASP A 120 -11.12 -2.04 5.94
N GLU A 121 -11.99 -2.92 6.48
CA GLU A 121 -13.33 -2.60 6.96
C GLU A 121 -13.35 -1.64 8.16
N TYR A 122 -12.23 -1.56 8.89
CA TYR A 122 -12.07 -0.69 10.04
C TYR A 122 -11.39 0.63 9.65
N ILE A 123 -10.62 0.60 8.55
CA ILE A 123 -9.88 1.76 8.02
C ILE A 123 -10.83 2.82 7.46
N THR A 124 -11.78 2.39 6.59
CA THR A 124 -12.78 3.25 5.95
C THR A 124 -13.51 4.16 6.97
N PRO A 125 -14.12 3.62 8.06
CA PRO A 125 -14.80 4.51 9.03
C PRO A 125 -13.89 5.49 9.79
N MET A 126 -12.59 5.12 10.01
CA MET A 126 -11.63 5.98 10.70
C MET A 126 -11.37 7.25 9.89
N PHE A 127 -11.03 7.09 8.58
CA PHE A 127 -10.76 8.22 7.69
C PHE A 127 -11.99 9.07 7.47
N SER A 128 -13.19 8.46 7.46
CA SER A 128 -14.46 9.16 7.31
C SER A 128 -14.65 10.10 8.50
N PHE A 129 -14.31 9.61 9.71
CA PHE A 129 -14.40 10.40 10.93
C PHE A 129 -13.31 11.50 10.97
N TYR A 130 -12.06 11.16 10.60
CA TYR A 130 -10.95 12.13 10.57
C TYR A 130 -11.22 13.28 9.60
N LYS A 131 -11.70 12.96 8.37
CA LYS A 131 -11.99 13.98 7.36
C LYS A 131 -13.17 14.88 7.75
N SER A 132 -14.15 14.34 8.49
CA SER A 132 -15.31 15.07 9.01
C SER A 132 -14.91 16.00 10.16
N ILE A 133 -13.94 15.56 10.97
CA ILE A 133 -13.38 16.35 12.07
C ILE A 133 -12.59 17.52 11.44
N GLY A 134 -11.81 17.20 10.41
CA GLY A 134 -10.97 18.16 9.70
C GLY A 134 -11.68 19.30 9.01
N GLU A 135 -12.90 19.02 8.49
CA GLU A 135 -13.70 20.04 7.81
C GLU A 135 -14.26 21.08 8.78
N LEU A 136 -14.33 20.73 10.07
CA LEU A 136 -14.79 21.63 11.13
C LEU A 136 -13.75 22.68 11.53
N LYS A 137 -12.47 22.47 11.14
CA LYS A 137 -11.34 23.37 11.40
C LYS A 137 -11.26 23.77 12.89
N MET A 138 -11.26 22.76 13.75
CA MET A 138 -11.23 22.88 15.20
C MET A 138 -9.92 23.45 15.71
N THR A 139 -10.01 24.36 16.71
CA THR A 139 -8.84 24.96 17.36
C THR A 139 -8.36 23.97 18.43
N GLN A 140 -7.16 24.22 19.01
CA GLN A 140 -6.60 23.42 20.10
C GLN A 140 -7.54 23.41 21.33
N GLU A 141 -8.18 24.56 21.60
CA GLU A 141 -9.11 24.74 22.74
C GLU A 141 -10.38 23.92 22.54
N GLU A 142 -10.83 23.78 21.29
CA GLU A 142 -12.03 23.00 20.97
C GLU A 142 -11.78 21.51 21.20
N TYR A 143 -10.59 21.00 20.80
CA TYR A 143 -10.21 19.61 21.02
C TYR A 143 -10.07 19.29 22.51
N ALA A 144 -9.48 20.22 23.28
CA ALA A 144 -9.28 20.06 24.74
C ALA A 144 -10.61 19.99 25.46
N LEU A 145 -11.52 20.96 25.20
CA LEU A 145 -12.85 20.95 25.82
C LEU A 145 -13.68 19.76 25.40
N LEU A 146 -13.63 19.39 24.10
CA LEU A 146 -14.38 18.23 23.61
C LEU A 146 -13.91 16.93 24.27
N THR A 147 -12.59 16.78 24.54
CA THR A 147 -12.04 15.60 25.24
C THR A 147 -12.58 15.58 26.67
N ALA A 148 -12.53 16.75 27.36
CA ALA A 148 -13.08 16.87 28.72
C ALA A 148 -14.58 16.52 28.74
N ILE A 149 -15.36 17.00 27.73
CA ILE A 149 -16.81 16.71 27.59
C ILE A 149 -17.05 15.20 27.39
N VAL A 150 -16.21 14.55 26.57
CA VAL A 150 -16.25 13.11 26.31
C VAL A 150 -16.04 12.33 27.62
N ILE A 151 -15.02 12.70 28.43
CA ILE A 151 -14.72 12.04 29.70
C ILE A 151 -15.89 12.18 30.69
N LEU A 152 -16.41 13.40 30.83
CA LEU A 152 -17.49 13.68 31.76
C LEU A 152 -18.88 13.48 31.15
N SER A 153 -19.07 12.38 30.42
CA SER A 153 -20.35 12.02 29.82
C SER A 153 -21.21 11.34 30.88
N PRO A 154 -22.34 11.96 31.30
CA PRO A 154 -23.16 11.33 32.35
C PRO A 154 -23.93 10.09 31.88
N ASP A 155 -24.08 9.91 30.56
CA ASP A 155 -24.81 8.82 29.94
C ASP A 155 -23.95 7.55 29.71
N ARG A 156 -22.91 7.33 30.54
CA ARG A 156 -22.06 6.14 30.44
C ARG A 156 -22.71 4.99 31.21
N GLN A 157 -22.45 3.75 30.77
CA GLN A 157 -23.00 2.58 31.45
C GLN A 157 -22.25 2.36 32.77
N TYR A 158 -22.97 1.86 33.78
CA TYR A 158 -22.51 1.53 35.13
C TYR A 158 -22.25 2.79 36.00
N ILE A 159 -22.89 3.93 35.64
CA ILE A 159 -22.83 5.19 36.39
C ILE A 159 -23.97 5.22 37.40
N LYS A 160 -23.63 5.42 38.68
CA LYS A 160 -24.62 5.47 39.76
C LYS A 160 -25.24 6.86 39.91
N ASP A 161 -24.39 7.90 39.96
CA ASP A 161 -24.83 9.30 40.14
C ASP A 161 -24.58 10.14 38.88
N ARG A 162 -25.56 10.11 37.96
CA ARG A 162 -25.52 10.82 36.67
C ARG A 162 -25.56 12.33 36.83
N GLU A 163 -26.34 12.84 37.81
CA GLU A 163 -26.47 14.27 38.09
C GLU A 163 -25.14 14.88 38.53
N ALA A 164 -24.35 14.13 39.34
CA ALA A 164 -23.03 14.57 39.80
C ALA A 164 -22.08 14.78 38.60
N VAL A 165 -22.18 13.90 37.58
CA VAL A 165 -21.37 13.98 36.36
C VAL A 165 -21.89 15.14 35.49
N GLU A 166 -23.23 15.24 35.34
CA GLU A 166 -23.88 16.30 34.58
C GLU A 166 -23.45 17.68 35.06
N LYS A 167 -23.41 17.89 36.40
CA LYS A 167 -22.99 19.14 37.03
C LYS A 167 -21.56 19.54 36.66
N LEU A 168 -20.69 18.56 36.37
CA LEU A 168 -19.29 18.83 36.01
C LEU A 168 -19.12 19.11 34.52
N GLN A 169 -19.92 18.44 33.67
CA GLN A 169 -19.89 18.59 32.21
C GLN A 169 -20.51 19.93 31.78
N GLU A 170 -21.59 20.37 32.46
CA GLU A 170 -22.30 21.62 32.16
C GLU A 170 -21.38 22.84 31.97
N PRO A 171 -20.47 23.25 32.91
CA PRO A 171 -19.64 24.42 32.65
C PRO A 171 -18.68 24.29 31.46
N LEU A 172 -18.29 23.07 31.08
CA LEU A 172 -17.40 22.84 29.96
C LEU A 172 -18.16 22.99 28.64
N LEU A 173 -19.43 22.55 28.62
CA LEU A 173 -20.31 22.70 27.45
C LEU A 173 -20.59 24.18 27.21
N ASP A 174 -20.79 24.95 28.30
CA ASP A 174 -21.02 26.38 28.25
C ASP A 174 -19.84 27.14 27.64
N VAL A 175 -18.60 26.85 28.09
CA VAL A 175 -17.36 27.45 27.55
C VAL A 175 -17.20 27.09 26.05
N LEU A 176 -17.39 25.80 25.68
CA LEU A 176 -17.25 25.36 24.28
C LEU A 176 -18.22 26.09 23.36
N GLN A 177 -19.48 26.25 23.79
CA GLN A 177 -20.54 26.95 23.05
C GLN A 177 -20.14 28.41 22.77
N LYS A 178 -19.53 29.08 23.76
CA LYS A 178 -19.05 30.46 23.59
C LYS A 178 -17.88 30.52 22.59
N LEU A 179 -16.94 29.57 22.67
CA LEU A 179 -15.80 29.47 21.75
C LEU A 179 -16.21 29.24 20.30
N CYS A 180 -17.27 28.44 20.07
CA CYS A 180 -17.80 28.17 18.73
C CYS A 180 -18.38 29.44 18.13
N LYS A 181 -19.08 30.24 18.95
CA LYS A 181 -19.69 31.52 18.55
C LYS A 181 -18.63 32.60 18.23
N ILE A 182 -17.47 32.54 18.91
CA ILE A 182 -16.35 33.49 18.76
C ILE A 182 -15.43 33.09 17.57
N HIS A 183 -14.98 31.82 17.53
CA HIS A 183 -14.09 31.32 16.47
C HIS A 183 -14.79 31.21 15.11
N GLN A 184 -16.02 30.71 15.09
CA GLN A 184 -16.79 30.53 13.86
C GLN A 184 -18.18 31.22 13.92
N PRO A 185 -18.24 32.58 13.85
CA PRO A 185 -19.56 33.25 13.88
C PRO A 185 -20.34 33.10 12.56
N GLU A 186 -19.62 32.76 11.47
CA GLU A 186 -20.15 32.51 10.12
C GLU A 186 -20.99 31.22 10.09
N ASN A 187 -20.59 30.21 10.90
CA ASN A 187 -21.27 28.92 11.02
C ASN A 187 -21.95 28.83 12.40
N PRO A 188 -23.27 29.15 12.50
CA PRO A 188 -23.94 29.06 13.81
C PRO A 188 -24.27 27.62 14.22
N GLN A 189 -24.10 26.65 13.30
CA GLN A 189 -24.35 25.24 13.56
C GLN A 189 -23.08 24.54 14.08
N HIS A 190 -21.98 25.28 14.24
CA HIS A 190 -20.69 24.74 14.68
C HIS A 190 -20.75 23.96 15.98
N PHE A 191 -21.36 24.53 17.04
CA PHE A 191 -21.47 23.82 18.32
C PHE A 191 -22.24 22.51 18.19
N ALA A 192 -23.38 22.54 17.44
CA ALA A 192 -24.21 21.37 17.18
C ALA A 192 -23.41 20.31 16.43
N CYS A 193 -22.62 20.73 15.41
CA CYS A 193 -21.74 19.85 14.63
C CYS A 193 -20.75 19.15 15.54
N LEU A 194 -20.10 19.87 16.50
CA LEU A 194 -19.14 19.31 17.45
C LEU A 194 -19.80 18.27 18.34
N LEU A 195 -21.00 18.58 18.88
CA LEU A 195 -21.76 17.62 19.67
C LEU A 195 -22.17 16.38 18.83
N GLY A 196 -22.38 16.61 17.53
CA GLY A 196 -22.72 15.57 16.56
C GLY A 196 -21.58 14.60 16.35
N ARG A 197 -20.32 15.10 16.32
CA ARG A 197 -19.12 14.28 16.14
CA ARG A 197 -19.12 14.29 16.14
C ARG A 197 -18.94 13.37 17.35
N LEU A 198 -19.34 13.88 18.54
CA LEU A 198 -19.27 13.13 19.77
C LEU A 198 -20.13 11.89 19.70
N THR A 199 -21.26 11.95 18.97
CA THR A 199 -22.15 10.82 18.80
C THR A 199 -21.53 9.79 17.81
N GLU A 200 -20.78 10.28 16.79
CA GLU A 200 -20.07 9.40 15.84
C GLU A 200 -18.87 8.73 16.51
N LEU A 201 -18.17 9.46 17.40
CA LEU A 201 -17.05 8.92 18.18
C LEU A 201 -17.39 7.62 18.88
N ARG A 202 -18.60 7.52 19.44
CA ARG A 202 -19.09 6.36 20.18
C ARG A 202 -19.15 5.06 19.37
N THR A 203 -19.16 5.15 18.03
CA THR A 203 -19.21 3.99 17.14
C THR A 203 -17.91 3.16 17.19
N PHE A 204 -16.78 3.79 17.55
CA PHE A 204 -15.49 3.09 17.66
C PHE A 204 -15.40 2.15 18.87
N ASN A 205 -16.34 2.26 19.83
CA ASN A 205 -16.34 1.46 21.06
C ASN A 205 -16.64 -0.01 20.88
N HIS A 206 -17.81 -0.29 20.32
CA HIS A 206 -18.37 -1.61 20.13
C HIS A 206 -17.45 -2.61 19.44
N HIS A 207 -16.77 -2.20 18.34
CA HIS A 207 -15.92 -3.13 17.60
C HIS A 207 -14.41 -2.86 17.77
N HIS A 208 -14.01 -2.17 18.85
CA HIS A 208 -12.59 -1.86 19.11
C HIS A 208 -11.72 -3.11 19.30
N ALA A 209 -12.18 -4.05 20.15
CA ALA A 209 -11.45 -5.30 20.39
C ALA A 209 -11.33 -6.14 19.11
N GLU A 210 -12.38 -6.17 18.27
CA GLU A 210 -12.42 -6.88 16.98
C GLU A 210 -11.40 -6.30 16.01
N MET A 211 -11.30 -4.95 15.93
CA MET A 211 -10.35 -4.22 15.08
C MET A 211 -8.92 -4.59 15.48
N LEU A 212 -8.62 -4.58 16.80
CA LEU A 212 -7.28 -4.90 17.30
C LEU A 212 -6.88 -6.35 17.05
N MET A 213 -7.83 -7.27 17.26
CA MET A 213 -7.57 -8.69 17.04
C MET A 213 -7.50 -9.04 15.56
N SER A 214 -7.94 -8.13 14.67
CA SER A 214 -7.90 -8.34 13.22
C SER A 214 -6.50 -7.99 12.66
N TRP A 215 -5.62 -7.40 13.51
CA TRP A 215 -4.25 -7.04 13.12
C TRP A 215 -3.49 -8.26 12.61
N ARG A 216 -2.83 -8.12 11.44
CA ARG A 216 -2.07 -9.20 10.80
C ARG A 216 -0.75 -9.45 11.53
N VAL A 217 -0.85 -9.98 12.76
CA VAL A 217 0.30 -10.33 13.62
C VAL A 217 0.11 -11.74 14.17
N ASN A 218 1.20 -12.40 14.56
CA ASN A 218 1.16 -13.76 15.11
C ASN A 218 0.64 -13.73 16.55
N ASP A 219 1.13 -12.78 17.38
CA ASP A 219 0.73 -12.63 18.77
C ASP A 219 0.22 -11.23 19.07
N HIS A 220 -0.99 -11.15 19.63
CA HIS A 220 -1.63 -9.89 19.99
C HIS A 220 -1.34 -9.60 21.46
N LYS A 221 -0.11 -9.15 21.74
CA LYS A 221 0.35 -8.86 23.10
C LYS A 221 0.05 -7.41 23.48
N PHE A 222 -0.80 -7.24 24.50
CA PHE A 222 -1.19 -5.94 25.03
C PHE A 222 -0.56 -5.75 26.41
N THR A 223 -0.38 -4.49 26.83
CA THR A 223 0.21 -4.19 28.13
C THR A 223 -0.83 -4.40 29.23
N PRO A 224 -0.45 -4.72 30.50
CA PRO A 224 -1.49 -4.90 31.54
C PRO A 224 -2.46 -3.73 31.69
N LEU A 225 -1.98 -2.49 31.45
CA LEU A 225 -2.82 -1.30 31.53
C LEU A 225 -3.85 -1.27 30.38
N LEU A 226 -3.42 -1.64 29.15
CA LEU A 226 -4.32 -1.69 28.00
C LEU A 226 -5.38 -2.79 28.17
N CYS A 227 -5.04 -3.91 28.79
CA CYS A 227 -5.97 -5.01 29.07
C CYS A 227 -7.10 -4.54 29.99
N GLU A 228 -6.79 -3.65 30.95
CA GLU A 228 -7.74 -3.09 31.91
C GLU A 228 -8.71 -2.11 31.28
N ILE A 229 -8.23 -1.29 30.34
CA ILE A 229 -9.03 -0.26 29.72
C ILE A 229 -9.75 -0.72 28.43
N TRP A 230 -9.19 -1.71 27.71
CA TRP A 230 -9.78 -2.27 26.48
C TRP A 230 -10.36 -3.66 26.78
N ASP A 231 -11.22 -4.21 25.90
CA ASP A 231 -11.80 -5.54 26.12
C ASP A 231 -10.91 -6.61 25.43
N VAL A 232 -9.62 -6.65 25.82
CA VAL A 232 -8.60 -7.52 25.22
C VAL A 232 -7.93 -8.45 26.26
N GLN A 233 -7.39 -9.60 25.77
CA GLN A 233 -6.71 -10.67 26.51
C GLN A 233 -7.57 -11.25 27.63
N ASP B 2 -10.50 -5.87 40.06
CA ASP B 2 -10.47 -6.10 38.61
C ASP B 2 -9.65 -5.03 37.87
N HIS B 3 -10.00 -3.74 38.05
CA HIS B 3 -9.30 -2.61 37.42
C HIS B 3 -8.29 -1.98 38.41
N GLN B 4 -7.40 -2.84 38.94
CA GLN B 4 -6.37 -2.53 39.93
C GLN B 4 -5.41 -1.40 39.50
N LEU B 5 -4.95 -1.42 38.23
CA LEU B 5 -4.03 -0.42 37.71
C LEU B 5 -4.68 0.93 37.53
N LEU B 6 -5.94 0.95 37.04
CA LEU B 6 -6.68 2.19 36.87
C LEU B 6 -6.98 2.82 38.21
N ARG B 7 -7.39 1.99 39.19
CA ARG B 7 -7.69 2.45 40.56
C ARG B 7 -6.44 3.04 41.18
N TYR B 8 -5.28 2.39 40.95
CA TYR B 8 -4.00 2.86 41.46
C TYR B 8 -3.63 4.23 40.87
N LEU B 9 -3.71 4.38 39.53
CA LEU B 9 -3.39 5.64 38.86
C LEU B 9 -4.34 6.78 39.29
N LEU B 10 -5.60 6.46 39.57
CA LEU B 10 -6.57 7.45 40.03
C LEU B 10 -6.37 7.87 41.48
N ASP B 11 -6.06 6.91 42.36
CA ASP B 11 -5.90 7.14 43.80
C ASP B 11 -4.50 7.59 44.24
N LYS B 12 -3.51 7.52 43.33
CA LYS B 12 -2.10 7.91 43.57
C LYS B 12 -1.97 9.32 44.15
N GLU C 5 -4.30 -9.13 0.51
CA GLU C 5 -3.33 -10.17 0.81
C GLU C 5 -3.58 -11.41 -0.07
N LEU C 6 -2.51 -12.11 -0.48
CA LEU C 6 -2.63 -13.31 -1.31
C LEU C 6 -3.37 -14.45 -0.57
N THR C 7 -4.09 -15.31 -1.31
CA THR C 7 -4.80 -16.45 -0.72
C THR C 7 -3.86 -17.68 -0.86
N PRO C 8 -4.05 -18.79 -0.10
CA PRO C 8 -3.17 -19.97 -0.28
C PRO C 8 -3.12 -20.49 -1.71
N ASP C 9 -4.27 -20.47 -2.43
CA ASP C 9 -4.34 -20.89 -3.85
C ASP C 9 -3.56 -19.91 -4.74
N GLN C 10 -3.60 -18.61 -4.41
CA GLN C 10 -2.84 -17.60 -5.17
C GLN C 10 -1.33 -17.76 -4.96
N GLN C 11 -0.90 -18.11 -3.71
CA GLN C 11 0.50 -18.35 -3.36
C GLN C 11 1.03 -19.57 -4.08
N THR C 12 0.17 -20.60 -4.27
CA THR C 12 0.49 -21.82 -5.01
C THR C 12 0.68 -21.50 -6.50
N LEU C 13 -0.26 -20.73 -7.11
CA LEU C 13 -0.18 -20.29 -8.51
C LEU C 13 1.13 -19.50 -8.73
N LEU C 14 1.44 -18.55 -7.83
CA LEU C 14 2.64 -17.71 -7.89
C LEU C 14 3.92 -18.54 -7.90
N HIS C 15 4.04 -19.53 -6.99
CA HIS C 15 5.23 -20.39 -6.92
C HIS C 15 5.37 -21.27 -8.15
N PHE C 16 4.25 -21.77 -8.70
CA PHE C 16 4.21 -22.58 -9.91
C PHE C 16 4.71 -21.77 -11.12
N ILE C 17 4.25 -20.51 -11.26
CA ILE C 17 4.66 -19.59 -12.33
C ILE C 17 6.16 -19.29 -12.16
N MET C 18 6.60 -18.99 -10.92
CA MET C 18 8.01 -18.69 -10.61
C MET C 18 8.95 -19.81 -10.99
N ASP C 19 8.64 -21.05 -10.56
CA ASP C 19 9.44 -22.24 -10.86
C ASP C 19 9.58 -22.42 -12.37
N SER C 20 8.49 -22.25 -13.13
CA SER C 20 8.49 -22.34 -14.60
C SER C 20 9.31 -21.22 -15.20
N TYR C 21 9.16 -19.98 -14.68
CA TYR C 21 9.87 -18.80 -15.17
C TYR C 21 11.39 -18.90 -14.97
N ASN C 22 11.85 -19.50 -13.86
CA ASN C 22 13.26 -19.64 -13.53
C ASN C 22 14.03 -20.68 -14.38
N LYS C 23 13.33 -21.38 -15.30
CA LYS C 23 13.98 -22.35 -16.20
C LYS C 23 14.68 -21.62 -17.36
N GLN C 24 14.48 -20.28 -17.47
CA GLN C 24 15.11 -19.43 -18.48
C GLN C 24 16.63 -19.35 -18.25
N ARG C 25 17.38 -19.00 -19.32
CA ARG C 25 18.82 -18.83 -19.25
C ARG C 25 19.10 -17.70 -18.24
N MET C 26 20.04 -17.91 -17.32
CA MET C 26 20.35 -16.94 -16.27
C MET C 26 20.85 -15.60 -16.83
N PRO C 27 20.40 -14.45 -16.28
CA PRO C 27 20.86 -13.15 -16.82
C PRO C 27 22.37 -12.99 -16.87
N GLN C 28 23.09 -13.48 -15.82
CA GLN C 28 24.55 -13.44 -15.77
C GLN C 28 25.24 -14.17 -16.93
N GLU C 29 24.64 -15.25 -17.45
CA GLU C 29 25.17 -16.00 -18.60
C GLU C 29 25.22 -15.09 -19.83
N ILE C 30 24.15 -14.30 -20.04
CA ILE C 30 24.00 -13.36 -21.14
C ILE C 30 24.96 -12.16 -21.01
N THR C 31 24.93 -11.46 -19.86
CA THR C 31 25.78 -10.29 -19.62
C THR C 31 27.28 -10.62 -19.60
N ASN C 32 27.68 -11.79 -19.04
CA ASN C 32 29.10 -12.20 -19.02
C ASN C 32 29.66 -12.33 -20.44
N LYS C 33 28.85 -12.89 -21.39
CA LYS C 33 29.25 -13.05 -22.79
C LYS C 33 29.51 -11.69 -23.44
N ILE C 34 28.54 -10.75 -23.35
CA ILE C 34 28.61 -9.41 -23.94
C ILE C 34 29.74 -8.58 -23.30
N LEU C 35 29.92 -8.66 -21.97
CA LEU C 35 30.97 -7.92 -21.27
C LEU C 35 32.38 -8.45 -21.50
N LYS C 36 32.53 -9.77 -21.75
CA LYS C 36 33.80 -10.48 -21.97
C LYS C 36 34.64 -9.89 -23.10
N GLU C 37 34.14 -9.98 -24.33
CA GLU C 37 34.82 -9.50 -25.54
C GLU C 37 33.94 -8.50 -26.28
N ALA C 38 34.56 -7.65 -27.12
CA ALA C 38 33.83 -6.72 -27.97
C ALA C 38 33.65 -7.50 -29.28
N PHE C 39 32.40 -7.75 -29.68
CA PHE C 39 32.15 -8.53 -30.89
C PHE C 39 31.84 -7.65 -32.10
N SER C 40 32.03 -8.21 -33.32
CA SER C 40 31.71 -7.53 -34.57
C SER C 40 30.20 -7.60 -34.78
N ALA C 41 29.66 -6.79 -35.71
CA ALA C 41 28.22 -6.80 -36.03
C ALA C 41 27.78 -8.19 -36.52
N GLU C 42 28.64 -8.89 -37.30
CA GLU C 42 28.38 -10.24 -37.80
C GLU C 42 28.31 -11.27 -36.66
N GLU C 43 29.24 -11.17 -35.67
CA GLU C 43 29.26 -12.07 -34.51
C GLU C 43 28.05 -11.80 -33.60
N ASN C 44 27.69 -10.50 -33.43
CA ASN C 44 26.55 -10.12 -32.61
C ASN C 44 25.22 -10.58 -33.19
N PHE C 45 25.09 -10.63 -34.53
CA PHE C 45 23.86 -11.11 -35.17
C PHE C 45 23.63 -12.58 -34.82
N LEU C 46 24.70 -13.40 -34.89
CA LEU C 46 24.66 -14.82 -34.56
C LEU C 46 24.45 -15.07 -33.06
N ILE C 47 24.97 -14.19 -32.19
CA ILE C 47 24.74 -14.26 -30.74
C ILE C 47 23.25 -14.02 -30.51
N LEU C 48 22.66 -13.04 -31.21
CA LEU C 48 21.23 -12.75 -31.07
C LEU C 48 20.36 -13.90 -31.53
N THR C 49 20.64 -14.49 -32.71
CA THR C 49 19.81 -15.59 -33.24
C THR C 49 19.85 -16.80 -32.31
N GLU C 50 21.01 -17.13 -31.73
CA GLU C 50 21.16 -18.24 -30.78
C GLU C 50 20.41 -17.93 -29.47
N MET C 51 20.54 -16.69 -28.95
CA MET C 51 19.85 -16.25 -27.73
C MET C 51 18.34 -16.27 -27.94
N ALA C 52 17.88 -15.75 -29.08
CA ALA C 52 16.46 -15.68 -29.42
C ALA C 52 15.87 -17.05 -29.63
N THR C 53 16.63 -18.00 -30.22
CA THR C 53 16.13 -19.38 -30.43
C THR C 53 15.96 -20.07 -29.07
N ASN C 54 16.95 -19.92 -28.17
CA ASN C 54 16.84 -20.51 -26.83
C ASN C 54 15.63 -19.92 -26.10
N HIS C 55 15.46 -18.61 -26.19
CA HIS C 55 14.35 -17.90 -25.55
C HIS C 55 12.98 -18.43 -26.03
N VAL C 56 12.79 -18.62 -27.35
CA VAL C 56 11.52 -19.14 -27.90
C VAL C 56 11.27 -20.56 -27.39
N GLN C 57 12.32 -21.40 -27.37
CA GLN C 57 12.20 -22.77 -26.85
C GLN C 57 11.74 -22.79 -25.40
N VAL C 58 12.37 -21.97 -24.54
CA VAL C 58 12.01 -21.89 -23.12
C VAL C 58 10.61 -21.23 -22.93
N LEU C 59 10.29 -20.23 -23.77
CA LEU C 59 8.99 -19.57 -23.73
C LEU C 59 7.85 -20.53 -24.08
N VAL C 60 8.06 -21.46 -25.05
CA VAL C 60 7.01 -22.45 -25.38
C VAL C 60 6.79 -23.37 -24.17
N GLU C 61 7.87 -23.78 -23.48
CA GLU C 61 7.77 -24.62 -22.27
C GLU C 61 7.05 -23.89 -21.14
N PHE C 62 7.36 -22.60 -20.93
CA PHE C 62 6.69 -21.77 -19.92
C PHE C 62 5.19 -21.61 -20.25
N THR C 63 4.88 -21.33 -21.52
CA THR C 63 3.52 -21.13 -22.04
C THR C 63 2.64 -22.36 -21.81
N LYS C 64 3.18 -23.55 -22.14
CA LYS C 64 2.51 -24.86 -21.99
C LYS C 64 2.09 -25.14 -20.54
N LYS C 65 2.85 -24.61 -19.56
CA LYS C 65 2.59 -24.79 -18.13
C LYS C 65 1.59 -23.79 -17.57
N LEU C 66 1.29 -22.69 -18.31
CA LEU C 66 0.32 -21.70 -17.84
C LEU C 66 -1.03 -22.37 -17.69
N PRO C 67 -1.66 -22.26 -16.48
CA PRO C 67 -2.94 -22.95 -16.26
C PRO C 67 -4.00 -22.68 -17.31
N GLY C 68 -4.51 -23.76 -17.88
CA GLY C 68 -5.55 -23.76 -18.90
C GLY C 68 -5.09 -23.61 -20.34
N PHE C 69 -3.79 -23.32 -20.56
CA PHE C 69 -3.29 -23.10 -21.92
C PHE C 69 -3.49 -24.32 -22.83
N GLN C 70 -3.28 -25.53 -22.29
CA GLN C 70 -3.41 -26.77 -23.04
C GLN C 70 -4.87 -27.12 -23.38
N THR C 71 -5.85 -26.44 -22.73
CA THR C 71 -7.28 -26.64 -23.00
C THR C 71 -7.79 -25.72 -24.11
N LEU C 72 -6.98 -24.72 -24.50
CA LEU C 72 -7.33 -23.77 -25.56
C LEU C 72 -7.32 -24.40 -26.94
N ASP C 73 -8.02 -23.76 -27.90
CA ASP C 73 -8.08 -24.14 -29.31
C ASP C 73 -6.64 -24.12 -29.84
N HIS C 74 -6.23 -25.20 -30.54
CA HIS C 74 -4.88 -25.37 -31.07
C HIS C 74 -4.42 -24.24 -31.98
N GLU C 75 -5.33 -23.69 -32.81
CA GLU C 75 -4.99 -22.56 -33.69
C GLU C 75 -4.79 -21.29 -32.86
N ASP C 76 -5.60 -21.11 -31.80
CA ASP C 76 -5.49 -19.97 -30.89
C ASP C 76 -4.18 -20.04 -30.08
N GLN C 77 -3.72 -21.27 -29.75
CA GLN C 77 -2.47 -21.50 -29.03
C GLN C 77 -1.28 -20.96 -29.84
N ILE C 78 -1.25 -21.24 -31.16
CA ILE C 78 -0.20 -20.78 -32.09
C ILE C 78 -0.28 -19.26 -32.20
N ALA C 79 -1.50 -18.69 -32.35
CA ALA C 79 -1.71 -17.25 -32.45
C ALA C 79 -1.20 -16.50 -31.21
N LEU C 80 -1.39 -17.07 -30.00
CA LEU C 80 -0.93 -16.47 -28.75
C LEU C 80 0.59 -16.47 -28.67
N LEU C 81 1.23 -17.58 -29.06
CA LEU C 81 2.68 -17.73 -29.06
C LEU C 81 3.34 -16.77 -30.05
N LYS C 82 2.84 -16.74 -31.30
CA LYS C 82 3.31 -15.85 -32.36
C LYS C 82 3.09 -14.37 -32.01
N GLY C 83 1.97 -14.08 -31.37
CA GLY C 83 1.63 -12.72 -30.99
C GLY C 83 2.46 -12.19 -29.82
N SER C 84 2.97 -13.07 -28.97
CA SER C 84 3.70 -12.65 -27.77
C SER C 84 5.21 -12.84 -27.76
N ALA C 85 5.76 -13.69 -28.64
CA ALA C 85 7.18 -14.02 -28.64
C ALA C 85 8.15 -12.84 -28.59
N VAL C 86 7.96 -11.83 -29.46
CA VAL C 86 8.82 -10.63 -29.53
C VAL C 86 8.69 -9.77 -28.26
N GLU C 87 7.45 -9.56 -27.81
CA GLU C 87 7.20 -8.77 -26.62
C GLU C 87 7.85 -9.41 -25.38
N ALA C 88 7.73 -10.75 -25.23
CA ALA C 88 8.33 -11.52 -24.15
C ALA C 88 9.84 -11.40 -24.20
N MET C 89 10.42 -11.39 -25.41
CA MET C 89 11.87 -11.24 -25.55
C MET C 89 12.34 -9.86 -25.07
N PHE C 90 11.62 -8.78 -25.41
CA PHE C 90 12.01 -7.44 -24.94
C PHE C 90 11.78 -7.26 -23.45
N LEU C 91 10.77 -7.93 -22.91
CA LEU C 91 10.51 -7.85 -21.47
C LEU C 91 11.64 -8.56 -20.71
N ARG C 92 12.08 -9.72 -21.21
CA ARG C 92 13.20 -10.46 -20.60
C ARG C 92 14.51 -9.68 -20.73
N SER C 93 14.74 -9.04 -21.89
CA SER C 93 15.94 -8.20 -22.09
C SER C 93 15.95 -7.03 -21.11
N ALA C 94 14.77 -6.44 -20.82
CA ALA C 94 14.65 -5.33 -19.86
C ALA C 94 14.98 -5.81 -18.45
N GLU C 95 14.53 -7.02 -18.10
CA GLU C 95 14.83 -7.61 -16.79
C GLU C 95 16.35 -7.79 -16.63
N ILE C 96 17.00 -8.38 -17.67
CA ILE C 96 18.44 -8.63 -17.70
C ILE C 96 19.21 -7.31 -17.60
N PHE C 97 18.83 -6.33 -18.41
CA PHE C 97 19.48 -5.02 -18.42
C PHE C 97 19.48 -4.32 -17.05
N ASN C 98 18.39 -4.48 -16.28
CA ASN C 98 18.22 -3.82 -14.99
C ASN C 98 18.76 -4.61 -13.79
N LYS C 99 19.36 -5.78 -14.03
CA LYS C 99 19.99 -6.58 -12.98
C LYS C 99 21.29 -5.90 -12.57
N LYS C 100 21.52 -5.78 -11.24
CA LYS C 100 22.68 -5.11 -10.67
C LYS C 100 23.99 -5.80 -11.00
N LEU C 101 24.98 -5.02 -11.45
CA LEU C 101 26.31 -5.50 -11.83
C LEU C 101 27.40 -4.69 -11.09
N PRO C 102 28.67 -5.17 -10.97
CA PRO C 102 29.71 -4.35 -10.31
C PRO C 102 29.87 -2.99 -11.01
N SER C 103 30.24 -1.95 -10.23
CA SER C 103 30.40 -0.57 -10.72
C SER C 103 31.16 -0.46 -12.04
N GLY C 104 30.51 0.17 -13.02
CA GLY C 104 31.06 0.38 -14.36
C GLY C 104 30.63 -0.62 -15.41
N HIS C 105 30.19 -1.82 -14.99
CA HIS C 105 29.76 -2.90 -15.88
C HIS C 105 28.49 -2.58 -16.68
N SER C 106 27.46 -1.97 -16.05
CA SER C 106 26.23 -1.58 -16.74
C SER C 106 26.47 -0.48 -17.80
N ASP C 107 27.52 0.36 -17.59
CA ASP C 107 27.91 1.39 -18.55
C ASP C 107 28.53 0.71 -19.78
N LEU C 108 29.37 -0.32 -19.56
CA LEU C 108 30.01 -1.07 -20.64
C LEU C 108 28.98 -1.90 -21.42
N LEU C 109 28.02 -2.50 -20.71
CA LEU C 109 26.93 -3.30 -21.30
C LEU C 109 26.09 -2.45 -22.25
N GLU C 110 25.74 -1.22 -21.83
CA GLU C 110 24.95 -0.30 -22.63
C GLU C 110 25.71 0.07 -23.92
N ALA C 111 27.02 0.39 -23.79
CA ALA C 111 27.90 0.74 -24.91
C ALA C 111 28.06 -0.43 -25.90
N ARG C 112 28.18 -1.66 -25.37
CA ARG C 112 28.30 -2.88 -26.19
C ARG C 112 27.02 -3.14 -26.98
N ILE C 113 25.84 -2.88 -26.37
CA ILE C 113 24.54 -3.02 -27.01
C ILE C 113 24.36 -1.93 -28.09
N ARG C 114 24.90 -0.71 -27.85
CA ARG C 114 24.84 0.36 -28.86
C ARG C 114 25.64 0.02 -30.11
N ASN C 115 26.71 -0.79 -29.94
CA ASN C 115 27.58 -1.22 -31.05
C ASN C 115 27.23 -2.64 -31.55
N SER C 116 25.99 -3.08 -31.31
CA SER C 116 25.52 -4.41 -31.72
C SER C 116 25.52 -4.63 -33.24
N GLY C 117 25.15 -3.61 -34.00
CA GLY C 117 25.08 -3.71 -35.46
C GLY C 117 23.79 -3.19 -36.06
N ILE C 118 22.76 -2.93 -35.22
CA ILE C 118 21.48 -2.38 -35.70
C ILE C 118 21.51 -0.86 -35.71
N SER C 119 20.61 -0.26 -36.48
CA SER C 119 20.44 1.18 -36.64
C SER C 119 20.17 1.83 -35.27
N ASP C 120 20.75 3.03 -35.06
CA ASP C 120 20.61 3.79 -33.81
C ASP C 120 19.14 4.18 -33.51
N GLU C 121 18.29 4.32 -34.56
CA GLU C 121 16.87 4.65 -34.43
C GLU C 121 16.07 3.60 -33.65
N TYR C 122 16.58 2.36 -33.61
CA TYR C 122 15.96 1.26 -32.88
C TYR C 122 16.58 1.09 -31.50
N ILE C 123 17.86 1.47 -31.33
CA ILE C 123 18.61 1.36 -30.08
C ILE C 123 18.06 2.30 -28.99
N THR C 124 17.81 3.59 -29.32
CA THR C 124 17.32 4.59 -28.36
C THR C 124 15.92 4.20 -27.77
N PRO C 125 14.86 3.79 -28.53
CA PRO C 125 13.60 3.35 -27.88
C PRO C 125 13.75 2.13 -26.97
N MET C 126 14.74 1.22 -27.24
CA MET C 126 15.00 0.04 -26.41
C MET C 126 15.48 0.50 -25.03
N PHE C 127 16.52 1.39 -24.98
CA PHE C 127 17.05 1.90 -23.71
C PHE C 127 16.05 2.73 -22.94
N SER C 128 15.17 3.45 -23.66
CA SER C 128 14.11 4.26 -23.07
C SER C 128 13.13 3.32 -22.36
N PHE C 129 12.81 2.17 -22.98
CA PHE C 129 11.93 1.17 -22.37
C PHE C 129 12.62 0.46 -21.21
N TYR C 130 13.90 0.07 -21.35
CA TYR C 130 14.66 -0.61 -20.28
C TYR C 130 14.80 0.28 -19.05
N LYS C 131 15.14 1.58 -19.23
CA LYS C 131 15.29 2.52 -18.11
C LYS C 131 13.97 2.80 -17.40
N SER C 132 12.85 2.79 -18.16
CA SER C 132 11.50 2.99 -17.64
C SER C 132 11.01 1.77 -16.88
N ILE C 133 11.42 0.57 -17.32
CA ILE C 133 11.13 -0.69 -16.64
C ILE C 133 11.91 -0.69 -15.33
N GLY C 134 13.16 -0.27 -15.38
CA GLY C 134 14.07 -0.22 -14.23
C GLY C 134 13.65 0.69 -13.10
N GLU C 135 13.01 1.83 -13.43
CA GLU C 135 12.55 2.80 -12.44
C GLU C 135 11.33 2.28 -11.66
N LEU C 136 10.63 1.26 -12.21
CA LEU C 136 9.50 0.61 -11.56
C LEU C 136 9.94 -0.35 -10.45
N LYS C 137 11.24 -0.72 -10.42
CA LYS C 137 11.86 -1.61 -9.42
C LYS C 137 11.05 -2.91 -9.24
N MET C 138 10.79 -3.57 -10.37
CA MET C 138 10.03 -4.81 -10.47
C MET C 138 10.74 -5.98 -9.82
N THR C 139 9.99 -6.80 -9.05
CA THR C 139 10.51 -8.01 -8.41
C THR C 139 10.52 -9.10 -9.48
N GLN C 140 11.18 -10.23 -9.20
CA GLN C 140 11.21 -11.36 -10.12
C GLN C 140 9.79 -11.91 -10.38
N GLU C 141 8.93 -11.90 -9.33
CA GLU C 141 7.54 -12.36 -9.41
C GLU C 141 6.70 -11.48 -10.32
N GLU C 142 7.00 -10.16 -10.34
CA GLU C 142 6.29 -9.21 -11.21
C GLU C 142 6.63 -9.46 -12.67
N TYR C 143 7.92 -9.74 -12.97
CA TYR C 143 8.36 -10.05 -14.34
C TYR C 143 7.72 -11.35 -14.84
N ALA C 144 7.66 -12.38 -13.98
CA ALA C 144 7.07 -13.68 -14.29
C ALA C 144 5.60 -13.56 -14.62
N LEU C 145 4.82 -12.89 -13.75
CA LEU C 145 3.39 -12.68 -13.98
C LEU C 145 3.12 -11.80 -15.18
N LEU C 146 3.91 -10.73 -15.36
CA LEU C 146 3.74 -9.84 -16.51
C LEU C 146 3.98 -10.58 -17.84
N THR C 147 4.97 -11.50 -17.88
CA THR C 147 5.26 -12.33 -19.07
C THR C 147 4.04 -13.23 -19.34
N ALA C 148 3.52 -13.90 -18.29
CA ALA C 148 2.32 -14.73 -18.41
C ALA C 148 1.13 -13.93 -18.93
N ILE C 149 0.94 -12.67 -18.42
CA ILE C 149 -0.13 -11.76 -18.85
C ILE C 149 0.03 -11.36 -20.34
N VAL C 150 1.27 -11.11 -20.77
CA VAL C 150 1.63 -10.80 -22.16
C VAL C 150 1.24 -11.96 -23.07
N ILE C 151 1.57 -13.21 -22.69
CA ILE C 151 1.26 -14.41 -23.48
C ILE C 151 -0.25 -14.61 -23.62
N LEU C 152 -0.97 -14.49 -22.50
CA LEU C 152 -2.41 -14.70 -22.46
C LEU C 152 -3.20 -13.42 -22.75
N SER C 153 -2.78 -12.65 -23.76
CA SER C 153 -3.45 -11.42 -24.18
C SER C 153 -4.61 -11.81 -25.10
N PRO C 154 -5.87 -11.55 -24.69
CA PRO C 154 -7.00 -11.96 -25.55
C PRO C 154 -7.19 -11.10 -26.80
N ASP C 155 -6.57 -9.91 -26.82
CA ASP C 155 -6.65 -8.95 -27.91
C ASP C 155 -5.60 -9.16 -29.02
N ARG C 156 -5.15 -10.42 -29.22
CA ARG C 156 -4.20 -10.75 -30.28
C ARG C 156 -4.92 -11.01 -31.59
N GLN C 157 -4.22 -10.81 -32.72
CA GLN C 157 -4.78 -11.05 -34.05
C GLN C 157 -4.93 -12.55 -34.32
N TYR C 158 -5.98 -12.92 -35.10
CA TYR C 158 -6.36 -14.26 -35.52
C TYR C 158 -7.00 -15.14 -34.40
N ILE C 159 -7.25 -14.55 -33.22
CA ILE C 159 -7.86 -15.27 -32.08
C ILE C 159 -9.35 -15.48 -32.33
N LYS C 160 -9.79 -16.75 -32.26
CA LYS C 160 -11.19 -17.11 -32.46
C LYS C 160 -12.02 -16.96 -31.20
N ASP C 161 -11.53 -17.49 -30.06
CA ASP C 161 -12.23 -17.46 -28.77
C ASP C 161 -11.49 -16.57 -27.75
N ARG C 162 -11.78 -15.26 -27.78
CA ARG C 162 -11.17 -14.25 -26.90
C ARG C 162 -11.55 -14.43 -25.44
N GLU C 163 -12.81 -14.82 -25.15
CA GLU C 163 -13.31 -15.05 -23.80
C GLU C 163 -12.55 -16.19 -23.10
N ALA C 164 -12.20 -17.25 -23.85
CA ALA C 164 -11.43 -18.40 -23.33
C ALA C 164 -10.04 -17.92 -22.86
N VAL C 165 -9.43 -16.98 -23.60
CA VAL C 165 -8.12 -16.41 -23.25
C VAL C 165 -8.28 -15.46 -22.05
N GLU C 166 -9.31 -14.59 -22.09
CA GLU C 166 -9.63 -13.65 -21.02
C GLU C 166 -9.78 -14.37 -19.67
N LYS C 167 -10.50 -15.51 -19.64
CA LYS C 167 -10.71 -16.34 -18.46
C LYS C 167 -9.40 -16.85 -17.85
N LEU C 168 -8.36 -17.04 -18.67
CA LEU C 168 -7.05 -17.52 -18.19
C LEU C 168 -6.15 -16.40 -17.69
N GLN C 169 -6.25 -15.22 -18.32
CA GLN C 169 -5.45 -14.04 -17.97
C GLN C 169 -5.96 -13.43 -16.65
N GLU C 170 -7.30 -13.41 -16.44
CA GLU C 170 -7.94 -12.85 -15.24
C GLU C 170 -7.27 -13.27 -13.90
N PRO C 171 -7.10 -14.58 -13.55
CA PRO C 171 -6.45 -14.89 -12.25
C PRO C 171 -5.01 -14.41 -12.10
N LEU C 172 -4.29 -14.25 -13.21
CA LEU C 172 -2.90 -13.78 -13.19
C LEU C 172 -2.86 -12.26 -12.97
N LEU C 173 -3.84 -11.53 -13.54
CA LEU C 173 -3.98 -10.09 -13.36
C LEU C 173 -4.33 -9.79 -11.90
N ASP C 174 -5.19 -10.64 -11.30
CA ASP C 174 -5.59 -10.53 -9.90
C ASP C 174 -4.39 -10.69 -8.97
N VAL C 175 -3.53 -11.69 -9.21
CA VAL C 175 -2.31 -11.94 -8.42
C VAL C 175 -1.33 -10.78 -8.54
N LEU C 176 -1.09 -10.29 -9.78
CA LEU C 176 -0.17 -9.20 -10.02
C LEU C 176 -0.60 -7.92 -9.30
N GLN C 177 -1.91 -7.61 -9.33
CA GLN C 177 -2.51 -6.45 -8.66
C GLN C 177 -2.26 -6.51 -7.15
N LYS C 178 -2.36 -7.71 -6.54
CA LYS C 178 -2.11 -7.91 -5.12
C LYS C 178 -0.63 -7.70 -4.79
N LEU C 179 0.27 -8.22 -5.64
CA LEU C 179 1.72 -8.06 -5.47
C LEU C 179 2.18 -6.61 -5.56
N CYS C 180 1.54 -5.80 -6.44
CA CYS C 180 1.83 -4.37 -6.58
C CYS C 180 1.45 -3.62 -5.32
N LYS C 181 0.31 -3.98 -4.72
CA LYS C 181 -0.22 -3.39 -3.48
C LYS C 181 0.66 -3.73 -2.25
N ILE C 182 1.30 -4.93 -2.26
CA ILE C 182 2.15 -5.43 -1.19
C ILE C 182 3.60 -4.90 -1.30
N HIS C 183 4.23 -5.02 -2.49
CA HIS C 183 5.63 -4.59 -2.68
C HIS C 183 5.80 -3.08 -2.85
N GLN C 184 4.78 -2.38 -3.37
CA GLN C 184 4.80 -0.92 -3.51
C GLN C 184 3.49 -0.26 -3.01
N PRO C 185 3.24 -0.22 -1.67
CA PRO C 185 2.02 0.43 -1.18
C PRO C 185 2.07 1.96 -1.25
N GLU C 186 3.31 2.52 -1.35
CA GLU C 186 3.61 3.94 -1.48
C GLU C 186 3.16 4.48 -2.85
N ASN C 187 3.25 3.64 -3.90
CA ASN C 187 2.85 3.95 -5.27
C ASN C 187 1.57 3.17 -5.64
N PRO C 188 0.37 3.78 -5.49
CA PRO C 188 -0.86 3.05 -5.84
C PRO C 188 -1.10 2.94 -7.35
N GLN C 189 -0.31 3.68 -8.15
CA GLN C 189 -0.39 3.65 -9.61
C GLN C 189 0.50 2.58 -10.23
N HIS C 190 1.22 1.81 -9.39
CA HIS C 190 2.15 0.77 -9.81
C HIS C 190 1.53 -0.26 -10.75
N PHE C 191 0.37 -0.85 -10.39
CA PHE C 191 -0.28 -1.83 -11.27
C PHE C 191 -0.64 -1.24 -12.63
N ALA C 192 -1.17 -0.01 -12.65
CA ALA C 192 -1.53 0.72 -13.87
C ALA C 192 -0.29 0.95 -14.73
N CYS C 193 0.84 1.35 -14.09
CA CYS C 193 2.14 1.54 -14.76
C CYS C 193 2.60 0.27 -15.46
N LEU C 194 2.48 -0.90 -14.77
CA LEU C 194 2.87 -2.20 -15.34
C LEU C 194 2.01 -2.54 -16.56
N LEU C 195 0.68 -2.34 -16.44
CA LEU C 195 -0.23 -2.59 -17.57
C LEU C 195 0.06 -1.62 -18.74
N GLY C 196 0.53 -0.41 -18.43
CA GLY C 196 0.94 0.59 -19.41
C GLY C 196 2.14 0.11 -20.21
N ARG C 197 3.10 -0.57 -19.54
CA ARG C 197 4.28 -1.18 -20.16
C ARG C 197 3.96 -2.13 -21.31
N LEU C 198 2.80 -2.82 -21.22
CA LEU C 198 2.29 -3.80 -22.20
C LEU C 198 2.00 -3.15 -23.53
N THR C 199 1.46 -1.92 -23.53
CA THR C 199 1.15 -1.12 -24.72
C THR C 199 2.45 -0.70 -25.38
N GLU C 200 3.46 -0.32 -24.58
CA GLU C 200 4.78 0.06 -25.04
C GLU C 200 5.48 -1.13 -25.70
N LEU C 201 5.32 -2.36 -25.15
CA LEU C 201 5.90 -3.60 -25.71
C LEU C 201 5.38 -3.92 -27.09
N ARG C 202 4.10 -3.59 -27.36
CA ARG C 202 3.46 -3.82 -28.66
C ARG C 202 4.17 -3.10 -29.80
N THR C 203 4.75 -1.91 -29.51
CA THR C 203 5.46 -1.10 -30.50
C THR C 203 6.72 -1.80 -31.00
N PHE C 204 7.38 -2.59 -30.14
CA PHE C 204 8.56 -3.38 -30.55
C PHE C 204 8.20 -4.44 -31.57
N ASN C 205 7.01 -5.03 -31.43
CA ASN C 205 6.50 -6.06 -32.32
C ASN C 205 6.28 -5.56 -33.76
N HIS C 206 5.76 -4.32 -33.94
CA HIS C 206 5.47 -3.70 -35.25
C HIS C 206 6.70 -3.54 -36.15
N HIS C 207 7.82 -3.03 -35.62
CA HIS C 207 9.02 -2.79 -36.44
C HIS C 207 10.16 -3.78 -36.18
N HIS C 208 9.83 -4.97 -35.65
CA HIS C 208 10.81 -6.00 -35.34
C HIS C 208 11.56 -6.52 -36.56
N ALA C 209 10.84 -6.87 -37.64
CA ALA C 209 11.48 -7.37 -38.86
C ALA C 209 12.38 -6.28 -39.51
N GLU C 210 11.96 -5.01 -39.46
CA GLU C 210 12.70 -3.85 -39.97
C GLU C 210 14.00 -3.66 -39.19
N MET C 211 13.93 -3.75 -37.85
CA MET C 211 15.06 -3.67 -36.95
C MET C 211 16.10 -4.77 -37.26
N LEU C 212 15.66 -6.03 -37.42
CA LEU C 212 16.54 -7.17 -37.70
C LEU C 212 17.20 -7.06 -39.05
N MET C 213 16.44 -6.63 -40.08
CA MET C 213 16.97 -6.49 -41.42
C MET C 213 17.89 -5.27 -41.56
N SER C 214 17.85 -4.35 -40.58
CA SER C 214 18.73 -3.16 -40.54
C SER C 214 20.13 -3.51 -40.01
N TRP C 215 20.32 -4.74 -39.48
CA TRP C 215 21.59 -5.22 -38.95
C TRP C 215 22.68 -5.13 -40.02
N ARG C 216 23.84 -4.55 -39.65
CA ARG C 216 24.98 -4.37 -40.55
C ARG C 216 25.70 -5.69 -40.80
N VAL C 217 25.03 -6.63 -41.49
CA VAL C 217 25.56 -7.95 -41.86
C VAL C 217 25.31 -8.21 -43.35
N ASN C 218 26.10 -9.10 -43.95
CA ASN C 218 25.96 -9.45 -45.37
C ASN C 218 24.74 -10.35 -45.58
N ASP C 219 24.58 -11.37 -44.71
CA ASP C 219 23.47 -12.32 -44.79
C ASP C 219 22.68 -12.38 -43.47
N HIS C 220 21.37 -12.17 -43.58
CA HIS C 220 20.47 -12.21 -42.44
C HIS C 220 19.88 -13.63 -42.35
N LYS C 221 20.69 -14.57 -41.83
CA LYS C 221 20.30 -15.97 -41.68
C LYS C 221 19.66 -16.23 -40.33
N PHE C 222 18.38 -16.64 -40.37
CA PHE C 222 17.59 -16.95 -39.19
C PHE C 222 17.37 -18.47 -39.11
N THR C 223 17.18 -19.01 -37.90
CA THR C 223 16.95 -20.46 -37.71
C THR C 223 15.51 -20.81 -38.14
N PRO C 224 15.21 -22.06 -38.59
CA PRO C 224 13.82 -22.39 -38.96
C PRO C 224 12.77 -22.07 -37.89
N LEU C 225 13.12 -22.21 -36.59
CA LEU C 225 12.21 -21.87 -35.51
C LEU C 225 11.95 -20.35 -35.44
N LEU C 226 13.01 -19.53 -35.62
CA LEU C 226 12.86 -18.06 -35.62
C LEU C 226 12.05 -17.59 -36.82
N CYS C 227 12.15 -18.27 -37.98
CA CYS C 227 11.38 -17.96 -39.18
C CYS C 227 9.90 -18.14 -38.95
N GLU C 228 9.54 -19.15 -38.16
CA GLU C 228 8.16 -19.46 -37.83
C GLU C 228 7.55 -18.42 -36.89
N ILE C 229 8.34 -17.93 -35.93
CA ILE C 229 7.84 -17.02 -34.91
C ILE C 229 8.00 -15.53 -35.29
N TRP C 230 8.99 -15.18 -36.12
CA TRP C 230 9.23 -13.80 -36.56
C TRP C 230 8.81 -13.64 -38.04
N ASP C 231 8.67 -12.38 -38.53
CA ASP C 231 8.31 -12.12 -39.93
C ASP C 231 9.59 -11.92 -40.76
N VAL C 232 10.40 -12.97 -40.83
CA VAL C 232 11.69 -12.96 -41.54
C VAL C 232 11.82 -14.12 -42.54
N GLN C 233 12.64 -13.89 -43.60
CA GLN C 233 12.95 -14.83 -44.69
C GLN C 233 11.72 -15.20 -45.54
N HIS D 3 3.36 -23.73 -39.30
CA HIS D 3 4.05 -23.62 -38.03
C HIS D 3 4.26 -25.01 -37.38
N GLN D 4 4.88 -25.94 -38.16
CA GLN D 4 5.18 -27.33 -37.77
C GLN D 4 6.05 -27.46 -36.51
N LEU D 5 7.06 -26.59 -36.37
CA LEU D 5 7.98 -26.59 -35.22
C LEU D 5 7.30 -26.12 -33.95
N LEU D 6 6.44 -25.09 -34.05
CA LEU D 6 5.68 -24.59 -32.90
C LEU D 6 4.67 -25.65 -32.44
N ARG D 7 3.97 -26.29 -33.40
CA ARG D 7 3.01 -27.35 -33.12
C ARG D 7 3.72 -28.52 -32.41
N TYR D 8 4.94 -28.85 -32.86
CA TYR D 8 5.75 -29.91 -32.25
C TYR D 8 6.13 -29.57 -30.81
N LEU D 9 6.65 -28.35 -30.57
CA LEU D 9 7.04 -27.90 -29.22
C LEU D 9 5.83 -27.85 -28.26
N LEU D 10 4.65 -27.51 -28.77
CA LEU D 10 3.43 -27.46 -27.97
C LEU D 10 2.87 -28.83 -27.64
N ASP D 11 2.89 -29.76 -28.61
CA ASP D 11 2.32 -31.10 -28.45
C ASP D 11 3.27 -32.14 -27.82
N LYS D 12 4.53 -31.75 -27.55
CA LYS D 12 5.64 -32.49 -26.90
C LYS D 12 6.93 -32.44 -27.70
#